data_9KX0
#
_entry.id   9KX0
#
_cell.length_a   88.325
_cell.length_b   88.325
_cell.length_c   98.557
_cell.angle_alpha   90.00
_cell.angle_beta   90.00
_cell.angle_gamma   90.00
#
_symmetry.space_group_name_H-M   'P 41 2 2'
#
loop_
_entity.id
_entity.type
_entity.pdbx_description
1 polymer 'cAMP factor'
2 water water
#
_entity_poly.entity_id   1
_entity_poly.type   'polypeptide(L)'
_entity_poly.pdbx_seq_one_letter_code
;LEQSAARQHAQVDAEQALAQVNARIAELHKMPQAQVPASEAPKVNYGEEIRKLLDTAFELRTAIESIIAGKVPPVDLSTI
PARVDLLTTSVKTIQQANHNLVNKVEAAHVELGFSITRALIRTINPTSTAAQLAESKADVLSTYAKVAAYRDLKPTDAAT
VYVKNRLNTKIWQTRINRDKYLLGKNAEGYKAINKALTHATGVWFNPATTVKQVDDEVKALDLAFQAALDRRPADGKLRT
NAA
;
_entity_poly.pdbx_strand_id   A
#
# COMPACT_ATOMS: atom_id res chain seq x y z
N HIS A 9 29.18 10.06 -5.83
CA HIS A 9 28.52 11.36 -6.19
C HIS A 9 28.14 12.08 -4.90
N ALA A 10 27.65 13.31 -5.04
CA ALA A 10 27.15 14.08 -3.89
C ALA A 10 25.67 14.36 -4.08
N GLN A 11 25.37 15.28 -5.00
CA GLN A 11 23.99 15.62 -5.32
C GLN A 11 23.30 14.37 -5.91
N VAL A 12 21.98 14.28 -5.74
CA VAL A 12 21.14 13.31 -6.45
C VAL A 12 20.98 13.78 -7.90
N ASP A 13 21.51 12.98 -8.85
CA ASP A 13 21.33 13.21 -10.29
C ASP A 13 20.12 12.42 -10.80
N ALA A 14 19.82 12.60 -12.09
CA ALA A 14 18.62 12.07 -12.71
C ALA A 14 18.62 10.54 -12.60
N GLU A 15 19.77 9.92 -12.85
CA GLU A 15 19.90 8.48 -12.86
C GLU A 15 19.66 7.92 -11.47
N GLN A 16 20.07 8.67 -10.43
CA GLN A 16 19.84 8.22 -9.06
C GLN A 16 18.35 8.38 -8.73
N ALA A 17 17.77 9.49 -9.15
CA ALA A 17 16.34 9.73 -8.95
C ALA A 17 15.54 8.60 -9.59
N LEU A 18 15.84 8.34 -10.86
CA LEU A 18 15.23 7.25 -11.62
C LEU A 18 15.32 5.97 -10.82
N ALA A 19 16.50 5.71 -10.27
CA ALA A 19 16.73 4.43 -9.66
C ALA A 19 15.89 4.34 -8.40
N GLN A 20 15.61 5.50 -7.83
CA GLN A 20 14.86 5.56 -6.59
C GLN A 20 13.39 5.30 -6.93
N VAL A 21 12.94 5.97 -7.99
CA VAL A 21 11.61 5.73 -8.51
C VAL A 21 11.43 4.25 -8.85
N ASN A 22 12.38 3.65 -9.58
CA ASN A 22 12.20 2.24 -9.96
C ASN A 22 12.21 1.34 -8.72
N ALA A 23 12.98 1.70 -7.70
CA ALA A 23 12.97 0.88 -6.49
C ALA A 23 11.61 0.98 -5.81
N ARG A 24 10.97 2.15 -5.87
CA ARG A 24 9.64 2.30 -5.28
C ARG A 24 8.62 1.50 -6.08
N ILE A 25 8.79 1.46 -7.39
CA ILE A 25 7.85 0.77 -8.25
C ILE A 25 7.90 -0.72 -7.93
N ALA A 26 9.12 -1.26 -7.81
CA ALA A 26 9.29 -2.66 -7.41
C ALA A 26 8.77 -2.93 -6.01
N GLU A 27 8.99 -2.02 -5.06
CA GLU A 27 8.41 -2.21 -3.73
C GLU A 27 6.89 -2.24 -3.85
N LEU A 28 6.27 -1.32 -4.61
CA LEU A 28 4.81 -1.23 -4.66
C LEU A 28 4.26 -2.52 -5.30
N HIS A 29 4.92 -3.02 -6.34
CA HIS A 29 4.48 -4.22 -7.03
C HIS A 29 4.42 -5.44 -6.11
N LYS A 30 5.24 -5.49 -5.05
CA LYS A 30 5.25 -6.65 -4.18
C LYS A 30 4.04 -6.61 -3.26
N MET A 31 3.46 -5.43 -3.06
CA MET A 31 2.30 -5.34 -2.18
C MET A 31 1.14 -6.07 -2.83
N PRO A 32 0.37 -6.85 -2.04
CA PRO A 32 -0.82 -7.53 -2.55
C PRO A 32 -1.78 -6.53 -3.20
N GLN A 33 -1.99 -5.38 -2.53
CA GLN A 33 -2.93 -4.38 -3.02
C GLN A 33 -2.59 -3.97 -4.44
N ALA A 34 -1.32 -4.04 -4.83
CA ALA A 34 -0.94 -3.63 -6.17
C ALA A 34 -1.34 -4.66 -7.21
N GLN A 35 -1.71 -5.87 -6.80
CA GLN A 35 -1.94 -6.91 -7.79
C GLN A 35 -3.41 -7.25 -7.90
N VAL A 36 -4.29 -6.56 -7.13
CA VAL A 36 -5.71 -6.80 -7.27
C VAL A 36 -6.24 -6.00 -8.44
N PRO A 37 -7.34 -6.43 -9.09
CA PRO A 37 -7.91 -5.62 -10.17
C PRO A 37 -8.39 -4.26 -9.65
N ALA A 38 -8.40 -3.26 -10.54
CA ALA A 38 -8.81 -1.91 -10.18
C ALA A 38 -10.14 -1.90 -9.41
N SER A 39 -11.04 -2.81 -9.77
CA SER A 39 -12.34 -2.82 -9.15
C SER A 39 -12.27 -3.30 -7.72
N GLU A 40 -11.15 -3.92 -7.32
CA GLU A 40 -11.03 -4.43 -5.96
C GLU A 40 -10.34 -3.39 -5.07
N ALA A 41 -9.60 -2.49 -5.72
CA ALA A 41 -8.78 -1.50 -5.04
C ALA A 41 -9.55 -0.87 -3.90
N PRO A 42 -10.81 -0.41 -4.07
CA PRO A 42 -11.53 0.20 -2.96
C PRO A 42 -11.83 -0.76 -1.82
N LYS A 43 -11.53 -2.04 -2.00
CA LYS A 43 -11.88 -3.02 -0.98
C LYS A 43 -10.66 -3.66 -0.31
N VAL A 44 -9.45 -3.17 -0.58
CA VAL A 44 -8.26 -3.56 0.15
C VAL A 44 -7.66 -2.29 0.77
N ASN A 45 -6.82 -2.46 1.81
CA ASN A 45 -6.24 -1.36 2.58
C ASN A 45 -5.33 -0.49 1.73
N TYR A 46 -5.61 0.82 1.72
CA TYR A 46 -4.81 1.78 0.99
C TYR A 46 -4.72 1.33 -0.45
N GLY A 47 -5.75 0.60 -0.89
CA GLY A 47 -5.74 0.06 -2.24
C GLY A 47 -5.67 1.15 -3.30
N GLU A 48 -6.47 2.20 -3.12
CA GLU A 48 -6.49 3.28 -4.09
C GLU A 48 -5.23 4.15 -3.92
N GLU A 49 -4.76 4.31 -2.67
CA GLU A 49 -3.50 5.04 -2.46
C GLU A 49 -2.37 4.35 -3.21
N ILE A 50 -2.29 3.02 -3.09
CA ILE A 50 -1.23 2.22 -3.67
C ILE A 50 -1.30 2.29 -5.20
N ARG A 51 -2.50 2.31 -5.79
CA ARG A 51 -2.60 2.54 -7.23
C ARG A 51 -2.15 3.95 -7.62
N LYS A 52 -2.53 4.95 -6.83
CA LYS A 52 -2.11 6.30 -7.14
C LYS A 52 -0.60 6.44 -6.99
N LEU A 53 0.00 5.78 -5.99
CA LEU A 53 1.44 5.82 -5.88
C LEU A 53 2.08 5.25 -7.14
N LEU A 54 1.55 4.14 -7.64
CA LEU A 54 2.14 3.52 -8.83
C LEU A 54 2.01 4.48 -10.01
N ASP A 55 0.84 5.07 -10.20
CA ASP A 55 0.63 6.00 -11.29
C ASP A 55 1.61 7.16 -11.19
N THR A 56 1.68 7.79 -10.01
CA THR A 56 2.64 8.86 -9.79
C THR A 56 4.06 8.38 -10.12
N ALA A 57 4.43 7.18 -9.61
CA ALA A 57 5.76 6.66 -9.83
C ALA A 57 6.01 6.52 -11.33
N PHE A 58 5.02 5.99 -12.09
CA PHE A 58 5.21 5.80 -13.54
C PHE A 58 5.36 7.15 -14.22
N GLU A 59 4.55 8.10 -13.79
CA GLU A 59 4.68 9.46 -14.25
C GLU A 59 6.11 9.95 -14.00
N LEU A 60 6.62 9.74 -12.79
CA LEU A 60 7.90 10.37 -12.49
C LEU A 60 9.00 9.67 -13.28
N ARG A 61 8.87 8.35 -13.43
CA ARG A 61 9.82 7.60 -14.22
C ARG A 61 9.86 8.13 -15.66
N THR A 62 8.71 8.39 -16.23
CA THR A 62 8.69 8.84 -17.61
C THR A 62 9.37 10.20 -17.75
N ALA A 63 9.03 11.15 -16.87
CA ALA A 63 9.63 12.46 -16.93
C ALA A 63 11.15 12.35 -16.75
N ILE A 64 11.59 11.50 -15.85
CA ILE A 64 13.02 11.48 -15.53
C ILE A 64 13.80 10.90 -16.70
N GLU A 65 13.32 9.81 -17.33
CA GLU A 65 14.01 9.27 -18.48
C GLU A 65 13.85 10.19 -19.69
N SER A 66 12.79 10.98 -19.69
CA SER A 66 12.64 12.04 -20.67
C SER A 66 13.77 13.05 -20.51
N ILE A 67 14.15 13.29 -19.25
CA ILE A 67 15.21 14.22 -18.92
C ILE A 67 16.58 13.59 -19.26
N ILE A 68 16.78 12.33 -18.90
CA ILE A 68 18.03 11.63 -19.21
C ILE A 68 18.26 11.63 -20.73
N ALA A 69 17.20 11.47 -21.52
CA ALA A 69 17.27 11.43 -22.98
C ALA A 69 17.48 12.81 -23.60
N GLY A 70 17.35 13.89 -22.81
CA GLY A 70 17.74 15.22 -23.23
C GLY A 70 16.60 16.04 -23.86
N LYS A 71 15.35 15.69 -23.58
CA LYS A 71 14.20 16.48 -23.99
C LYS A 71 14.00 17.65 -23.02
N VAL A 72 12.84 18.31 -23.13
CA VAL A 72 12.49 19.37 -22.21
C VAL A 72 11.84 18.72 -21.00
N PRO A 73 12.25 19.11 -19.76
CA PRO A 73 11.63 18.56 -18.56
C PRO A 73 10.20 19.05 -18.40
N PRO A 74 9.23 18.15 -18.12
CA PRO A 74 7.86 18.58 -17.83
C PRO A 74 7.78 19.33 -16.49
N VAL A 75 8.87 19.31 -15.70
CA VAL A 75 8.93 19.99 -14.42
C VAL A 75 10.33 20.58 -14.23
N ASP A 76 10.47 21.58 -13.33
CA ASP A 76 11.78 22.16 -13.00
C ASP A 76 12.73 21.04 -12.59
N LEU A 77 13.91 20.96 -13.23
CA LEU A 77 14.84 19.86 -13.00
C LEU A 77 15.33 19.88 -11.55
N SER A 78 15.42 21.07 -10.96
CA SER A 78 15.95 21.20 -9.62
C SER A 78 14.97 20.63 -8.58
N THR A 79 13.69 20.44 -8.95
CA THR A 79 12.70 19.90 -8.02
C THR A 79 12.64 18.38 -8.10
N ILE A 80 13.35 17.76 -9.04
CA ILE A 80 13.18 16.34 -9.28
C ILE A 80 13.50 15.54 -8.00
N PRO A 81 14.66 15.73 -7.34
CA PRO A 81 14.96 14.97 -6.14
C PRO A 81 13.91 15.16 -5.05
N ALA A 82 13.33 16.34 -4.96
CA ALA A 82 12.30 16.56 -3.95
C ALA A 82 11.01 15.82 -4.32
N ARG A 83 10.75 15.63 -5.62
CA ARG A 83 9.53 14.98 -6.07
C ARG A 83 9.61 13.50 -5.73
N VAL A 84 10.77 12.94 -6.09
CA VAL A 84 11.02 11.55 -5.80
C VAL A 84 10.94 11.28 -4.30
N ASP A 85 11.49 12.23 -3.53
CA ASP A 85 11.62 12.07 -2.10
C ASP A 85 10.23 12.08 -1.50
N LEU A 86 9.37 12.96 -2.04
CA LEU A 86 7.98 13.01 -1.59
C LEU A 86 7.25 11.72 -1.95
N LEU A 87 7.57 11.12 -3.09
CA LEU A 87 7.05 9.81 -3.45
C LEU A 87 7.51 8.80 -2.42
N THR A 88 8.84 8.77 -2.22
CA THR A 88 9.46 7.77 -1.33
C THR A 88 8.86 7.84 0.07
N THR A 89 8.69 9.07 0.53
CA THR A 89 8.04 9.32 1.81
C THR A 89 6.61 8.77 1.83
N SER A 90 5.87 8.96 0.73
CA SER A 90 4.48 8.52 0.65
C SER A 90 4.39 6.99 0.62
N VAL A 91 5.27 6.37 -0.15
CA VAL A 91 5.35 4.91 -0.16
C VAL A 91 5.64 4.33 1.23
N LYS A 92 6.69 4.84 1.90
CA LYS A 92 7.12 4.36 3.22
C LYS A 92 6.06 4.65 4.28
N THR A 93 5.44 5.84 4.23
CA THR A 93 4.35 6.09 5.16
C THR A 93 3.17 5.13 4.92
N ILE A 94 2.79 4.84 3.65
CA ILE A 94 1.74 3.85 3.40
C ILE A 94 2.18 2.50 3.96
N GLN A 95 3.43 2.12 3.74
CA GLN A 95 3.91 0.83 4.23
C GLN A 95 3.84 0.77 5.76
N GLN A 96 4.26 1.86 6.43
CA GLN A 96 4.20 1.94 7.88
C GLN A 96 2.77 1.76 8.34
N ALA A 97 1.84 2.55 7.78
CA ALA A 97 0.46 2.55 8.22
C ALA A 97 -0.13 1.15 8.10
N ASN A 98 0.26 0.46 7.03
CA ASN A 98 -0.15 -0.90 6.73
C ASN A 98 0.17 -1.85 7.87
N HIS A 99 1.31 -1.62 8.54
CA HIS A 99 1.79 -2.50 9.59
C HIS A 99 1.31 -2.04 10.95
N ASN A 100 1.30 -0.72 11.20
CA ASN A 100 1.28 -0.19 12.56
C ASN A 100 -0.09 0.35 12.96
N LEU A 101 -0.93 0.71 11.97
CA LEU A 101 -2.18 1.41 12.25
C LEU A 101 -3.38 0.47 12.14
N VAL A 102 -3.14 -0.83 12.32
CA VAL A 102 -4.13 -1.88 12.13
C VAL A 102 -5.38 -1.61 12.94
N ASN A 103 -5.22 -1.27 14.21
CA ASN A 103 -6.37 -1.29 15.12
C ASN A 103 -7.02 0.08 15.21
N LYS A 104 -6.50 1.09 14.48
CA LYS A 104 -6.97 2.45 14.69
C LYS A 104 -8.39 2.61 14.18
N VAL A 105 -9.12 3.56 14.77
CA VAL A 105 -10.41 3.99 14.23
C VAL A 105 -10.25 4.55 12.83
N GLU A 106 -11.37 4.59 12.12
CA GLU A 106 -11.43 4.79 10.68
C GLU A 106 -10.81 6.14 10.32
N ALA A 107 -10.96 7.12 11.21
CA ALA A 107 -10.56 8.49 10.93
C ALA A 107 -9.05 8.55 10.68
N ALA A 108 -8.28 7.68 11.35
CA ALA A 108 -6.84 7.63 11.16
C ALA A 108 -6.51 7.41 9.70
N HIS A 109 -7.01 6.31 9.12
CA HIS A 109 -6.72 5.90 7.75
C HIS A 109 -7.29 6.88 6.74
N VAL A 110 -8.45 7.47 7.04
CA VAL A 110 -9.07 8.44 6.13
C VAL A 110 -8.18 9.69 6.06
N GLU A 111 -7.62 10.10 7.20
CA GLU A 111 -6.92 11.37 7.28
C GLU A 111 -5.55 11.19 6.65
N LEU A 112 -4.91 10.06 6.96
CA LEU A 112 -3.64 9.72 6.35
C LEU A 112 -3.78 9.63 4.85
N GLY A 113 -4.76 8.83 4.38
CA GLY A 113 -5.02 8.65 2.96
C GLY A 113 -5.19 9.97 2.22
N PHE A 114 -5.96 10.89 2.80
CA PHE A 114 -6.17 12.19 2.16
C PHE A 114 -4.86 12.98 2.06
N SER A 115 -4.04 12.89 3.11
CA SER A 115 -2.75 13.56 3.10
C SER A 115 -1.86 12.96 2.01
N ILE A 116 -1.83 11.63 1.90
CA ILE A 116 -1.03 10.98 0.85
C ILE A 116 -1.51 11.45 -0.51
N THR A 117 -2.82 11.53 -0.65
CA THR A 117 -3.45 11.93 -1.89
C THR A 117 -3.06 13.35 -2.25
N ARG A 118 -3.07 14.29 -1.30
CA ARG A 118 -2.67 15.63 -1.68
C ARG A 118 -1.21 15.63 -2.16
N ALA A 119 -0.36 14.85 -1.49
CA ALA A 119 1.09 14.85 -1.71
C ALA A 119 1.41 14.34 -3.11
N LEU A 120 0.66 13.34 -3.56
CA LEU A 120 0.91 12.75 -4.87
C LEU A 120 0.53 13.72 -5.97
N ILE A 121 -0.56 14.46 -5.80
CA ILE A 121 -0.83 15.51 -6.78
C ILE A 121 0.34 16.50 -6.81
N ARG A 122 0.79 16.99 -5.63
CA ARG A 122 1.91 17.91 -5.58
C ARG A 122 3.14 17.31 -6.27
N THR A 123 3.36 16.00 -6.06
CA THR A 123 4.54 15.32 -6.57
C THR A 123 4.69 15.46 -8.08
N ILE A 124 3.59 15.47 -8.82
CA ILE A 124 3.65 15.46 -10.27
C ILE A 124 3.27 16.82 -10.83
N ASN A 125 2.58 17.66 -10.04
CA ASN A 125 2.14 18.96 -10.48
C ASN A 125 3.34 19.76 -10.97
N PRO A 126 3.39 20.12 -12.27
CA PRO A 126 4.52 20.87 -12.82
C PRO A 126 4.72 22.23 -12.16
N THR A 127 3.71 22.71 -11.45
CA THR A 127 3.76 24.01 -10.81
C THR A 127 4.21 23.89 -9.34
N SER A 128 4.36 22.68 -8.81
CA SER A 128 4.78 22.53 -7.42
C SER A 128 6.18 23.12 -7.23
N THR A 129 6.30 24.06 -6.31
CA THR A 129 7.60 24.63 -5.96
C THR A 129 8.29 23.76 -4.90
N ALA A 130 9.56 24.06 -4.64
CA ALA A 130 10.33 23.37 -3.62
C ALA A 130 9.64 23.51 -2.27
N ALA A 131 9.23 24.74 -1.93
CA ALA A 131 8.53 24.98 -0.68
C ALA A 131 7.26 24.13 -0.58
N GLN A 132 6.47 24.11 -1.65
CA GLN A 132 5.23 23.36 -1.67
C GLN A 132 5.53 21.87 -1.51
N LEU A 133 6.60 21.37 -2.14
CA LEU A 133 6.93 19.96 -2.01
C LEU A 133 7.29 19.64 -0.57
N ALA A 134 8.03 20.53 0.09
CA ALA A 134 8.46 20.29 1.46
C ALA A 134 7.30 20.39 2.44
N GLU A 135 6.37 21.32 2.16
CA GLU A 135 5.08 21.42 2.86
C GLU A 135 4.40 20.06 2.78
N SER A 136 4.27 19.50 1.56
CA SER A 136 3.58 18.23 1.39
C SER A 136 4.29 17.14 2.19
N LYS A 137 5.61 17.11 2.11
CA LYS A 137 6.34 16.05 2.77
C LYS A 137 6.10 16.11 4.26
N ALA A 138 6.09 17.33 4.80
CA ALA A 138 5.93 17.52 6.23
C ALA A 138 4.51 17.17 6.66
N ASP A 139 3.53 17.49 5.79
CA ASP A 139 2.15 17.14 6.08
C ASP A 139 1.97 15.63 6.10
N VAL A 140 2.60 14.89 5.18
CA VAL A 140 2.48 13.45 5.20
C VAL A 140 3.04 12.89 6.51
N LEU A 141 4.28 13.27 6.85
CA LEU A 141 4.94 12.68 8.02
C LEU A 141 4.22 13.13 9.30
N SER A 142 3.76 14.37 9.31
CA SER A 142 3.16 14.88 10.53
C SER A 142 1.80 14.22 10.71
N THR A 143 0.98 14.21 9.64
CA THR A 143 -0.30 13.51 9.63
C THR A 143 -0.13 12.10 10.18
N TYR A 144 0.88 11.36 9.72
CA TYR A 144 1.09 10.01 10.22
C TYR A 144 1.33 10.02 11.74
N ALA A 145 2.14 10.94 12.24
CA ALA A 145 2.46 10.96 13.66
C ALA A 145 1.20 11.28 14.47
N LYS A 146 0.37 12.21 13.98
CA LYS A 146 -0.91 12.51 14.60
C LYS A 146 -1.79 11.27 14.69
N VAL A 147 -2.14 10.67 13.53
CA VAL A 147 -3.12 9.60 13.45
C VAL A 147 -2.63 8.36 14.22
N ALA A 148 -1.30 8.20 14.38
CA ALA A 148 -0.77 7.05 15.08
C ALA A 148 -1.11 7.14 16.57
N ALA A 149 -1.46 8.34 17.04
CA ALA A 149 -1.85 8.56 18.42
C ALA A 149 -3.37 8.52 18.59
N TYR A 150 -4.11 8.18 17.53
CA TYR A 150 -5.56 8.07 17.62
C TYR A 150 -5.93 6.84 18.47
N ARG A 151 -7.20 6.74 18.85
CA ARG A 151 -7.62 5.64 19.70
C ARG A 151 -7.71 4.36 18.88
N ASP A 152 -7.42 3.24 19.57
CA ASP A 152 -7.51 1.92 18.98
C ASP A 152 -8.98 1.51 18.92
N LEU A 153 -9.23 0.37 18.28
CA LEU A 153 -10.55 -0.24 18.33
C LEU A 153 -10.49 -1.29 19.45
N LYS A 154 -11.62 -1.48 20.14
CA LYS A 154 -11.70 -2.59 21.08
C LYS A 154 -11.87 -3.85 20.25
N PRO A 155 -11.34 -5.00 20.72
CA PRO A 155 -11.60 -6.30 20.10
C PRO A 155 -13.07 -6.62 19.91
N THR A 156 -13.90 -6.02 20.76
CA THR A 156 -15.33 -6.33 20.83
C THR A 156 -16.14 -5.46 19.87
N ASP A 157 -15.53 -4.44 19.26
CA ASP A 157 -16.24 -3.54 18.35
C ASP A 157 -16.60 -4.28 17.06
N ALA A 158 -17.62 -3.79 16.36
CA ALA A 158 -17.91 -4.25 15.02
C ALA A 158 -16.74 -3.87 14.12
N ALA A 159 -16.41 -4.76 13.18
CA ALA A 159 -15.31 -4.52 12.26
C ALA A 159 -15.71 -3.39 11.33
N THR A 160 -14.79 -2.43 11.18
CA THR A 160 -15.01 -1.28 10.34
C THR A 160 -14.51 -1.60 8.92
N VAL A 161 -14.70 -0.62 8.04
CA VAL A 161 -14.30 -0.72 6.65
C VAL A 161 -12.82 -1.07 6.55
N TYR A 162 -11.97 -0.31 7.26
CA TYR A 162 -10.54 -0.54 7.21
C TYR A 162 -10.28 -1.99 7.60
N VAL A 163 -10.94 -2.42 8.66
CA VAL A 163 -10.67 -3.72 9.25
C VAL A 163 -11.14 -4.83 8.29
N LYS A 164 -12.36 -4.68 7.77
CA LYS A 164 -12.87 -5.58 6.73
C LYS A 164 -11.93 -5.56 5.55
N ASN A 165 -11.41 -4.38 5.16
CA ASN A 165 -10.50 -4.31 4.02
C ASN A 165 -9.16 -4.96 4.36
N ARG A 166 -8.82 -5.03 5.65
CA ARG A 166 -7.60 -5.73 6.02
C ARG A 166 -7.75 -7.22 5.76
N LEU A 167 -8.90 -7.81 6.14
CA LEU A 167 -9.12 -9.22 5.86
C LEU A 167 -9.07 -9.51 4.37
N ASN A 168 -9.69 -8.62 3.57
CA ASN A 168 -9.80 -8.84 2.13
C ASN A 168 -8.42 -8.80 1.54
N THR A 169 -7.57 -7.91 2.06
CA THR A 169 -6.18 -7.82 1.62
C THR A 169 -5.43 -9.11 1.91
N LYS A 170 -5.68 -9.69 3.09
CA LYS A 170 -5.05 -10.96 3.44
C LYS A 170 -5.62 -12.08 2.56
N ILE A 171 -6.94 -12.06 2.35
CA ILE A 171 -7.56 -13.02 1.45
C ILE A 171 -6.86 -12.93 0.11
N TRP A 172 -6.72 -11.70 -0.42
CA TRP A 172 -6.14 -11.53 -1.73
C TRP A 172 -4.69 -12.01 -1.76
N GLN A 173 -3.94 -11.62 -0.73
CA GLN A 173 -2.55 -12.00 -0.60
C GLN A 173 -2.42 -13.53 -0.66
N THR A 174 -3.28 -14.21 0.10
CA THR A 174 -3.26 -15.67 0.15
C THR A 174 -3.56 -16.26 -1.22
N ARG A 175 -4.56 -15.69 -1.93
CA ARG A 175 -4.88 -16.15 -3.26
C ARG A 175 -3.67 -16.10 -4.17
N ILE A 176 -2.95 -14.96 -4.13
CA ILE A 176 -1.79 -14.76 -5.00
C ILE A 176 -0.74 -15.79 -4.63
N ASN A 177 -0.39 -15.84 -3.34
CA ASN A 177 0.60 -16.79 -2.87
C ASN A 177 0.17 -18.22 -3.18
N ARG A 178 -1.14 -18.52 -3.07
CA ARG A 178 -1.64 -19.84 -3.44
C ARG A 178 -1.34 -20.14 -4.90
N ASP A 179 -1.56 -19.14 -5.76
CA ASP A 179 -1.39 -19.32 -7.19
C ASP A 179 0.09 -19.35 -7.56
N LYS A 180 1.00 -19.12 -6.61
CA LYS A 180 2.41 -19.09 -6.94
C LYS A 180 3.17 -20.26 -6.30
N TYR A 181 2.58 -20.95 -5.33
CA TYR A 181 3.32 -21.96 -4.59
C TYR A 181 2.56 -23.28 -4.52
N LEU A 182 1.37 -23.24 -3.93
CA LEU A 182 0.61 -24.44 -3.63
C LEU A 182 0.02 -25.01 -4.91
N LEU A 183 -0.18 -24.16 -5.91
CA LEU A 183 -0.75 -24.57 -7.17
C LEU A 183 0.28 -25.43 -7.91
N GLY A 184 -0.22 -26.32 -8.77
CA GLY A 184 0.61 -27.14 -9.63
C GLY A 184 1.73 -27.88 -8.89
N LYS A 185 1.53 -28.15 -7.59
CA LYS A 185 2.52 -28.86 -6.79
C LYS A 185 1.84 -29.51 -5.60
N ASN A 186 1.75 -28.76 -4.49
CA ASN A 186 1.17 -29.23 -3.25
C ASN A 186 -0.35 -29.28 -3.41
N ALA A 187 -0.83 -30.30 -4.13
CA ALA A 187 -2.23 -30.38 -4.55
C ALA A 187 -3.18 -30.37 -3.35
N GLU A 188 -2.73 -30.88 -2.20
CA GLU A 188 -3.60 -31.00 -1.02
C GLU A 188 -3.45 -29.80 -0.11
N GLY A 189 -2.33 -29.06 -0.23
CA GLY A 189 -2.20 -27.75 0.38
C GLY A 189 -3.17 -26.76 -0.25
N TYR A 190 -3.15 -26.70 -1.59
CA TYR A 190 -4.12 -25.93 -2.35
C TYR A 190 -5.52 -26.06 -1.75
N LYS A 191 -5.93 -27.30 -1.45
CA LYS A 191 -7.29 -27.57 -0.97
C LYS A 191 -7.47 -27.07 0.46
N ALA A 192 -6.40 -27.11 1.26
CA ALA A 192 -6.47 -26.67 2.65
C ALA A 192 -6.62 -25.15 2.73
N ILE A 193 -5.85 -24.45 1.88
CA ILE A 193 -5.87 -23.00 1.88
C ILE A 193 -7.18 -22.51 1.25
N ASN A 194 -7.70 -23.25 0.26
CA ASN A 194 -8.97 -22.88 -0.37
C ASN A 194 -10.09 -23.01 0.65
N LYS A 195 -10.02 -24.01 1.52
CA LYS A 195 -10.99 -24.12 2.61
C LYS A 195 -10.85 -22.89 3.51
N ALA A 196 -9.61 -22.55 3.87
CA ALA A 196 -9.36 -21.39 4.72
C ALA A 196 -9.86 -20.11 4.04
N LEU A 197 -9.58 -19.98 2.75
CA LEU A 197 -10.03 -18.82 1.98
C LEU A 197 -11.56 -18.74 2.00
N THR A 198 -12.23 -19.86 1.70
CA THR A 198 -13.68 -19.97 1.77
C THR A 198 -14.17 -19.46 3.11
N HIS A 199 -13.53 -19.88 4.20
CA HIS A 199 -14.02 -19.51 5.52
C HIS A 199 -13.75 -18.04 5.77
N ALA A 200 -12.61 -17.55 5.25
CA ALA A 200 -12.24 -16.15 5.44
C ALA A 200 -13.24 -15.26 4.71
N THR A 201 -13.60 -15.65 3.48
CA THR A 201 -14.60 -14.94 2.70
C THR A 201 -15.88 -14.82 3.50
N GLY A 202 -16.24 -15.86 4.26
CA GLY A 202 -17.50 -15.85 4.98
C GLY A 202 -17.51 -14.80 6.09
N VAL A 203 -16.42 -14.81 6.86
CA VAL A 203 -16.19 -13.77 7.85
C VAL A 203 -16.23 -12.38 7.20
N TRP A 204 -15.66 -12.26 6.01
CA TRP A 204 -15.61 -10.99 5.31
C TRP A 204 -17.00 -10.50 4.89
N PHE A 205 -17.91 -11.42 4.51
CA PHE A 205 -19.24 -11.05 4.07
C PHE A 205 -20.18 -10.80 5.24
N ASN A 206 -19.96 -11.50 6.36
CA ASN A 206 -20.86 -11.39 7.50
C ASN A 206 -20.80 -9.97 8.07
N PRO A 207 -21.91 -9.21 8.13
CA PRO A 207 -21.88 -7.84 8.60
C PRO A 207 -21.82 -7.67 10.11
N ALA A 208 -21.74 -8.79 10.86
CA ALA A 208 -21.66 -8.75 12.31
C ALA A 208 -20.26 -9.08 12.78
N THR A 209 -19.37 -9.49 11.87
CA THR A 209 -17.97 -9.71 12.20
C THR A 209 -17.45 -8.59 13.13
N THR A 210 -16.72 -8.97 14.18
CA THR A 210 -16.14 -8.01 15.11
C THR A 210 -14.66 -7.84 14.80
N VAL A 211 -14.07 -6.77 15.35
CA VAL A 211 -12.67 -6.45 15.09
C VAL A 211 -11.80 -7.66 15.43
N LYS A 212 -12.05 -8.26 16.60
CA LYS A 212 -11.30 -9.43 17.07
C LYS A 212 -11.46 -10.58 16.09
N GLN A 213 -12.66 -10.70 15.52
CA GLN A 213 -12.94 -11.78 14.58
C GLN A 213 -12.15 -11.60 13.28
N VAL A 214 -11.88 -10.36 12.86
CA VAL A 214 -11.01 -10.14 11.71
C VAL A 214 -9.55 -10.41 12.07
N ASP A 215 -9.10 -9.95 13.25
CA ASP A 215 -7.72 -10.19 13.66
C ASP A 215 -7.41 -11.69 13.65
N ASP A 216 -8.33 -12.50 14.22
CA ASP A 216 -8.18 -13.96 14.22
C ASP A 216 -8.24 -14.59 12.84
N GLU A 217 -9.15 -14.11 11.95
CA GLU A 217 -9.25 -14.67 10.61
C GLU A 217 -7.97 -14.39 9.81
N VAL A 218 -7.34 -13.24 10.09
CA VAL A 218 -6.10 -12.90 9.42
C VAL A 218 -5.01 -13.85 9.92
N LYS A 219 -4.92 -14.00 11.25
CA LYS A 219 -4.03 -14.98 11.86
C LYS A 219 -4.28 -16.36 11.25
N ALA A 220 -5.56 -16.72 11.08
CA ALA A 220 -5.91 -18.03 10.57
C ALA A 220 -5.41 -18.21 9.14
N LEU A 221 -5.41 -17.15 8.32
CA LEU A 221 -5.05 -17.30 6.91
C LEU A 221 -3.55 -17.56 6.71
N ASP A 222 -2.71 -16.81 7.40
CA ASP A 222 -1.27 -16.98 7.20
C ASP A 222 -0.77 -18.21 7.95
N LEU A 223 -1.40 -18.57 9.06
CA LEU A 223 -1.04 -19.85 9.69
C LEU A 223 -1.28 -20.99 8.69
N ALA A 224 -2.42 -20.96 8.01
CA ALA A 224 -2.80 -22.02 7.08
C ALA A 224 -2.00 -22.00 5.78
N PHE A 225 -1.54 -20.81 5.33
CA PHE A 225 -0.66 -20.79 4.17
C PHE A 225 0.66 -21.44 4.54
N GLN A 226 1.20 -21.09 5.71
CA GLN A 226 2.46 -21.66 6.16
C GLN A 226 2.28 -23.16 6.34
N ALA A 227 1.22 -23.57 7.05
CA ALA A 227 0.91 -24.98 7.26
C ALA A 227 0.88 -25.73 5.93
N ALA A 228 0.18 -25.18 4.94
CA ALA A 228 0.13 -25.78 3.62
C ALA A 228 1.53 -25.89 3.03
N LEU A 229 2.32 -24.83 3.20
CA LEU A 229 3.70 -24.83 2.73
C LEU A 229 4.52 -25.88 3.45
N ASP A 230 4.39 -25.91 4.80
CA ASP A 230 5.15 -26.83 5.63
C ASP A 230 5.05 -28.24 5.05
N ARG A 231 3.83 -28.71 4.79
CA ARG A 231 3.60 -30.04 4.24
C ARG A 231 3.90 -30.05 2.75
N ARG A 232 5.11 -29.61 2.36
CA ARG A 232 5.54 -29.50 0.97
C ARG A 232 4.75 -28.38 0.28
#